data_3LQY
#
_entry.id   3LQY
#
_cell.length_a   41.590
_cell.length_b   41.590
_cell.length_c   171.198
_cell.angle_alpha   90.00
_cell.angle_beta   90.00
_cell.angle_gamma   120.00
#
_symmetry.space_group_name_H-M   'P 32 2 1'
#
loop_
_entity.id
_entity.type
_entity.pdbx_description
1 polymer 'putative isochorismatase hydrolase'
2 non-polymer GLYCEROL
3 water water
#
_entity_poly.entity_id   1
_entity_poly.type   'polypeptide(L)'
_entity_poly.pdbx_seq_one_letter_code
;G(MSE)TTENTTALLLIDFQNDYFSTYNGAKNPLVGTEAAAEQGAKLLAKFRQQGLPVVHVRHEFPTDEAPFFLPGSDGA
KIHPSVAAQEGEAVVLKHQINSFRDTDLKKVLDDAGIKKLVIVGA(MSE)TH(MSE)(CSD)IDAVTRAAEDLGYECAVA
HDACATLDLEFNGITVPAAQVHAAF(MSE)SALSFAYANVASADELIAGL
;
_entity_poly.pdbx_strand_id   A
#
loop_
_chem_comp.id
_chem_comp.type
_chem_comp.name
_chem_comp.formula
GOL non-polymer GLYCEROL 'C3 H8 O3'
#
# COMPACT_ATOMS: atom_id res chain seq x y z
N GLY A 1 22.23 8.28 20.18
CA GLY A 1 22.20 7.58 21.52
C GLY A 1 21.71 6.14 21.41
N MSE A 2 21.26 5.54 22.51
CA MSE A 2 20.84 4.16 22.41
C MSE A 2 19.75 4.02 21.34
O MSE A 2 18.79 4.80 21.31
CB MSE A 2 20.38 3.60 23.73
CG MSE A 2 20.28 2.09 23.71
SE MSE A 2 21.99 1.18 24.13
CE MSE A 2 21.12 -0.37 25.05
N THR A 3 19.90 3.02 20.47
CA THR A 3 18.98 2.84 19.33
C THR A 3 18.52 1.38 19.18
N THR A 4 17.36 1.23 18.55
CA THR A 4 16.90 -0.09 18.09
C THR A 4 17.21 -0.20 16.60
N GLU A 5 17.44 -1.43 16.12
CA GLU A 5 17.44 -1.71 14.68
C GLU A 5 16.03 -1.82 14.07
N ASN A 6 15.00 -1.86 14.91
CA ASN A 6 13.61 -2.05 14.48
C ASN A 6 12.94 -0.75 14.06
N THR A 7 13.52 -0.12 13.05
CA THR A 7 13.01 1.16 12.51
C THR A 7 12.40 0.97 11.14
N THR A 8 12.00 -0.26 10.81
CA THR A 8 11.26 -0.55 9.59
C THR A 8 9.80 -0.77 9.92
N ALA A 9 8.95 0.01 9.26
CA ALA A 9 7.50 -0.03 9.39
C ALA A 9 6.92 -0.72 8.19
N LEU A 10 5.93 -1.57 8.40
CA LEU A 10 5.11 -2.08 7.28
C LEU A 10 4.00 -1.08 7.02
N LEU A 11 3.91 -0.65 5.77
CA LEU A 11 3.01 0.43 5.36
C LEU A 11 2.04 -0.13 4.35
N LEU A 12 0.80 -0.22 4.75
CA LEU A 12 -0.19 -0.84 3.92
C LEU A 12 -1.03 0.27 3.33
N ILE A 13 -0.99 0.37 2.01
CA ILE A 13 -1.67 1.45 1.29
C ILE A 13 -2.98 0.99 0.71
N ASP A 14 -4.09 1.40 1.33
CA ASP A 14 -5.41 1.34 0.76
C ASP A 14 -5.85 -0.06 0.36
N PHE A 15 -5.71 -1.03 1.26
CA PHE A 15 -6.29 -2.33 0.98
C PHE A 15 -7.77 -2.25 1.41
N GLN A 16 -8.56 -1.49 0.64
CA GLN A 16 -9.92 -1.15 0.96
C GLN A 16 -10.91 -1.92 0.10
N ASN A 17 -12.08 -2.18 0.71
CA ASN A 17 -13.07 -3.05 0.09
C ASN A 17 -13.40 -2.78 -1.35
N ASP A 18 -13.59 -1.52 -1.72
CA ASP A 18 -13.91 -1.20 -3.16
C ASP A 18 -12.96 -1.76 -4.23
N TYR A 19 -11.77 -2.16 -3.80
CA TYR A 19 -10.77 -2.75 -4.68
C TYR A 19 -10.87 -4.23 -4.93
N PHE A 20 -11.71 -4.92 -4.20
CA PHE A 20 -11.75 -6.37 -4.24
C PHE A 20 -12.98 -6.81 -5.03
N SER A 21 -12.77 -7.57 -6.10
CA SER A 21 -13.92 -8.04 -6.87
C SER A 21 -14.78 -9.05 -6.06
N THR A 22 -14.18 -9.69 -5.04
CA THR A 22 -14.94 -10.53 -4.10
C THR A 22 -15.79 -9.74 -3.12
N TYR A 23 -15.68 -8.41 -3.11
CA TYR A 23 -16.54 -7.57 -2.27
C TYR A 23 -17.78 -7.12 -2.99
N ASN A 24 -18.95 -7.49 -2.42
CA ASN A 24 -20.23 -7.17 -3.03
C ASN A 24 -20.42 -5.66 -3.18
N GLY A 25 -20.60 -5.22 -4.42
CA GLY A 25 -20.78 -3.81 -4.76
C GLY A 25 -19.48 -3.00 -4.88
N ALA A 26 -18.35 -3.70 -4.97
CA ALA A 26 -17.03 -3.03 -5.05
C ALA A 26 -17.11 -2.02 -6.19
N LYS A 27 -16.72 -0.76 -5.95
CA LYS A 27 -16.87 0.28 -6.98
C LYS A 27 -15.64 0.46 -7.88
N ASN A 28 -14.54 -0.24 -7.57
N ASN A 28 -14.53 -0.20 -7.54
CA ASN A 28 -13.30 -0.03 -8.34
CA ASN A 28 -13.29 -0.07 -8.36
C ASN A 28 -12.41 -1.28 -8.24
C ASN A 28 -12.42 -1.29 -8.24
N PRO A 29 -12.96 -2.46 -8.61
CA PRO A 29 -12.29 -3.73 -8.46
C PRO A 29 -11.01 -3.75 -9.26
N LEU A 30 -9.95 -4.25 -8.63
CA LEU A 30 -8.64 -4.37 -9.27
C LEU A 30 -8.41 -5.81 -9.60
N VAL A 31 -7.33 -6.06 -10.32
CA VAL A 31 -6.93 -7.40 -10.74
C VAL A 31 -6.03 -8.02 -9.68
N GLY A 32 -6.44 -9.16 -9.12
CA GLY A 32 -5.58 -9.89 -8.18
C GLY A 32 -5.50 -9.31 -6.77
N THR A 33 -6.49 -8.52 -6.39
CA THR A 33 -6.43 -7.88 -5.08
C THR A 33 -6.42 -8.91 -3.92
N GLU A 34 -7.23 -9.95 -4.07
CA GLU A 34 -7.35 -10.95 -3.01
C GLU A 34 -6.00 -11.63 -2.73
N ALA A 35 -5.35 -12.07 -3.82
CA ALA A 35 -4.03 -12.67 -3.71
C ALA A 35 -3.01 -11.70 -3.11
N ALA A 36 -3.02 -10.43 -3.58
CA ALA A 36 -2.15 -9.42 -3.05
C ALA A 36 -2.31 -9.22 -1.55
N ALA A 37 -3.56 -9.12 -1.12
CA ALA A 37 -3.92 -9.04 0.28
C ALA A 37 -3.51 -10.28 1.04
N GLU A 38 -3.60 -11.44 0.41
CA GLU A 38 -3.15 -12.67 1.05
C GLU A 38 -1.66 -12.57 1.44
N GLN A 39 -0.86 -12.04 0.51
CA GLN A 39 0.57 -11.80 0.78
C GLN A 39 0.80 -10.68 1.80
N GLY A 40 0.05 -9.59 1.71
CA GLY A 40 0.15 -8.51 2.69
C GLY A 40 -0.12 -8.97 4.10
N ALA A 41 -1.15 -9.82 4.25
CA ALA A 41 -1.56 -10.48 5.54
C ALA A 41 -0.44 -11.35 6.10
N LYS A 42 0.21 -12.09 5.22
CA LYS A 42 1.44 -12.84 5.57
C LYS A 42 2.49 -11.88 6.20
N LEU A 43 2.76 -10.77 5.53
CA LEU A 43 3.70 -9.75 6.06
C LEU A 43 3.19 -9.11 7.34
N LEU A 44 1.91 -8.81 7.35
CA LEU A 44 1.27 -8.23 8.53
C LEU A 44 1.51 -9.08 9.78
N ALA A 45 1.37 -10.40 9.59
CA ALA A 45 1.49 -11.36 10.67
C ALA A 45 2.93 -11.43 11.18
N LYS A 46 3.88 -11.39 10.25
CA LYS A 46 5.31 -11.39 10.61
C LYS A 46 5.69 -10.16 11.45
N PHE A 47 5.25 -8.97 11.04
CA PHE A 47 5.61 -7.70 11.74
C PHE A 47 5.07 -7.70 13.16
N ARG A 48 3.80 -8.12 13.32
CA ARG A 48 3.16 -8.16 14.61
C ARG A 48 3.82 -9.23 15.50
N GLN A 49 4.17 -10.35 14.87
CA GLN A 49 4.91 -11.44 15.50
C GLN A 49 6.27 -10.96 16.04
N GLN A 50 6.92 -10.03 15.34
CA GLN A 50 8.08 -9.34 15.90
C GLN A 50 7.54 -8.07 16.60
N GLY A 51 8.42 -7.17 17.02
CA GLY A 51 7.95 -6.00 17.76
C GLY A 51 7.50 -4.97 16.75
N LEU A 52 7.61 -5.32 15.46
CA LEU A 52 7.63 -4.18 14.56
C LEU A 52 6.48 -3.25 14.24
N PRO A 53 6.81 -1.99 13.91
CA PRO A 53 5.80 -1.00 13.55
C PRO A 53 4.96 -1.39 12.32
N VAL A 54 3.65 -1.17 12.43
CA VAL A 54 2.70 -1.35 11.33
C VAL A 54 1.87 -0.08 11.18
N VAL A 55 1.90 0.52 9.99
CA VAL A 55 1.08 1.71 9.71
C VAL A 55 0.19 1.48 8.49
N HIS A 56 -1.07 1.89 8.63
CA HIS A 56 -2.06 1.77 7.56
C HIS A 56 -2.41 3.11 6.95
N VAL A 57 -2.76 3.06 5.67
CA VAL A 57 -3.18 4.25 4.97
C VAL A 57 -4.50 3.88 4.31
N ARG A 58 -5.46 4.80 4.33
CA ARG A 58 -6.77 4.58 3.83
C ARG A 58 -7.23 5.84 3.09
N HIS A 59 -7.88 5.69 1.96
CA HIS A 59 -8.33 6.82 1.13
C HIS A 59 -9.83 7.06 1.16
N GLU A 60 -10.22 8.33 1.27
CA GLU A 60 -11.59 8.72 1.04
C GLU A 60 -11.65 9.96 0.16
N PHE A 61 -12.56 9.97 -0.80
CA PHE A 61 -12.82 11.16 -1.61
C PHE A 61 -13.53 12.27 -0.83
N THR A 63 -16.32 14.08 -0.99
CA THR A 63 -17.57 14.18 -1.76
C THR A 63 -18.35 12.86 -1.77
N ASP A 64 -19.67 12.96 -1.68
CA ASP A 64 -20.58 11.80 -1.71
C ASP A 64 -20.81 11.29 -3.14
N GLU A 65 -20.40 12.07 -4.14
CA GLU A 65 -20.59 11.68 -5.54
C GLU A 65 -19.28 11.23 -6.16
N ALA A 66 -18.29 10.99 -5.30
CA ALA A 66 -17.08 10.27 -5.63
C ALA A 66 -17.36 8.94 -6.31
N PRO A 67 -16.43 8.49 -7.18
CA PRO A 67 -16.60 7.24 -7.91
C PRO A 67 -16.44 5.97 -7.08
N PHE A 68 -15.56 6.03 -6.09
CA PHE A 68 -15.30 4.92 -5.18
C PHE A 68 -14.73 5.54 -3.92
N PHE A 69 -14.54 4.73 -2.89
CA PHE A 69 -14.08 5.23 -1.59
C PHE A 69 -14.90 6.43 -1.13
N LEU A 70 -16.22 6.23 -1.13
CA LEU A 70 -17.12 7.27 -0.70
C LEU A 70 -16.84 7.48 0.75
N PRO A 71 -16.88 8.74 1.19
CA PRO A 71 -16.51 8.99 2.57
C PRO A 71 -17.57 8.42 3.56
N GLY A 72 -17.09 7.67 4.55
CA GLY A 72 -17.93 6.99 5.51
C GLY A 72 -18.57 5.66 5.06
N SER A 73 -18.30 5.26 3.82
CA SER A 73 -18.91 4.06 3.24
C SER A 73 -18.18 2.80 3.67
N ASP A 74 -18.89 1.65 3.62
CA ASP A 74 -18.24 0.37 3.86
C ASP A 74 -17.18 0.09 2.77
N GLY A 75 -17.38 0.66 1.57
CA GLY A 75 -16.50 0.38 0.44
C GLY A 75 -15.11 0.96 0.66
N ALA A 76 -15.05 1.98 1.52
CA ALA A 76 -13.79 2.67 1.89
C ALA A 76 -13.15 2.11 3.15
N LYS A 77 -13.73 1.09 3.73
CA LYS A 77 -13.17 0.43 4.92
C LYS A 77 -12.06 -0.51 4.49
N ILE A 78 -11.04 -0.66 5.34
CA ILE A 78 -9.96 -1.64 5.11
C ILE A 78 -10.59 -3.03 5.14
N HIS A 79 -10.16 -3.83 4.19
CA HIS A 79 -10.63 -5.15 3.99
C HIS A 79 -10.25 -5.99 5.20
N PRO A 80 -11.11 -6.94 5.63
CA PRO A 80 -10.78 -7.70 6.87
C PRO A 80 -9.53 -8.59 6.76
N SER A 81 -9.13 -8.97 5.54
CA SER A 81 -7.99 -9.83 5.39
C SER A 81 -6.73 -9.15 5.94
N VAL A 82 -6.73 -7.81 5.98
CA VAL A 82 -5.58 -7.02 6.48
C VAL A 82 -6.03 -5.90 7.45
N ALA A 83 -7.06 -6.16 8.25
CA ALA A 83 -7.62 -5.14 9.13
C ALA A 83 -6.59 -4.64 10.18
N ALA A 84 -6.72 -3.38 10.57
CA ALA A 84 -5.85 -2.79 11.58
C ALA A 84 -6.17 -3.32 12.97
N GLN A 85 -5.19 -3.17 13.88
CA GLN A 85 -5.33 -3.54 15.30
C GLN A 85 -5.08 -2.32 16.18
N GLU A 86 -5.44 -2.39 17.46
CA GLU A 86 -5.20 -1.25 18.32
C GLU A 86 -3.71 -1.02 18.37
N GLY A 87 -3.31 0.25 18.39
CA GLY A 87 -1.91 0.62 18.46
C GLY A 87 -1.37 1.01 17.10
N GLU A 88 -1.94 0.40 16.04
CA GLU A 88 -1.46 0.59 14.68
C GLU A 88 -2.19 1.78 14.09
N ALA A 89 -1.47 2.85 13.77
CA ALA A 89 -2.05 4.07 13.27
C ALA A 89 -2.69 3.82 11.91
N VAL A 90 -3.79 4.53 11.65
CA VAL A 90 -4.41 4.54 10.34
C VAL A 90 -4.46 5.97 9.83
N VAL A 91 -3.79 6.23 8.71
CA VAL A 91 -3.80 7.55 8.15
C VAL A 91 -4.82 7.68 7.04
N LEU A 92 -5.67 8.69 7.16
CA LEU A 92 -6.74 8.95 6.18
C LEU A 92 -6.21 9.97 5.19
N LYS A 93 -6.32 9.65 3.89
CA LYS A 93 -5.80 10.56 2.85
C LYS A 93 -6.87 10.87 1.81
N HIS A 94 -6.66 11.96 1.08
CA HIS A 94 -7.58 12.41 0.02
C HIS A 94 -6.87 12.66 -1.30
N GLN A 95 -5.57 12.43 -1.33
CA GLN A 95 -4.74 12.70 -2.52
C GLN A 95 -4.08 11.41 -2.93
N ILE A 96 -3.46 11.37 -4.13
CA ILE A 96 -2.82 10.15 -4.56
C ILE A 96 -1.63 9.81 -3.65
N ASN A 97 -0.74 10.80 -3.50
CA ASN A 97 0.43 10.69 -2.63
C ASN A 97 0.03 10.65 -1.17
N SER A 98 0.47 9.60 -0.47
CA SER A 98 0.05 9.35 0.91
C SER A 98 0.66 10.34 1.91
N PHE A 99 1.69 11.08 1.50
CA PHE A 99 2.26 12.15 2.36
C PHE A 99 1.58 13.48 2.17
N ARG A 100 0.79 13.64 1.11
CA ARG A 100 0.24 14.96 0.77
C ARG A 100 -0.98 15.33 1.60
N ASP A 101 -0.87 16.43 2.35
CA ASP A 101 -1.93 16.92 3.27
C ASP A 101 -2.38 15.88 4.29
N THR A 102 -1.52 14.91 4.58
CA THR A 102 -1.79 13.90 5.58
C THR A 102 -0.77 14.06 6.68
N ASP A 103 -0.94 13.25 7.71
CA ASP A 103 -0.08 13.23 8.88
C ASP A 103 0.95 12.13 8.76
N LEU A 104 1.09 11.54 7.58
CA LEU A 104 1.92 10.34 7.46
C LEU A 104 3.34 10.54 7.95
N LYS A 105 3.96 11.64 7.53
CA LYS A 105 5.35 11.93 7.89
C LYS A 105 5.44 12.07 9.40
N LYS A 106 4.67 13.01 9.94
CA LYS A 106 4.64 13.27 11.38
C LYS A 106 4.47 11.93 12.11
N VAL A 107 3.57 11.11 11.63
CA VAL A 107 3.38 9.78 12.19
C VAL A 107 4.65 8.90 12.16
N LEU A 108 5.25 8.75 10.97
CA LEU A 108 6.45 7.94 10.83
C LEU A 108 7.57 8.53 11.68
N ASP A 109 7.71 9.85 11.62
CA ASP A 109 8.75 10.55 12.36
C ASP A 109 8.57 10.45 13.88
N ASP A 110 7.37 10.07 14.33
CA ASP A 110 7.17 9.85 15.75
C ASP A 110 7.57 8.43 16.20
N ALA A 111 7.47 7.44 15.32
CA ALA A 111 8.05 6.13 15.64
C ALA A 111 9.53 6.13 15.26
N ILE A 113 10.84 5.89 12.62
CA ILE A 113 10.94 5.05 11.43
C ILE A 113 12.03 5.55 10.46
N LYS A 114 12.80 4.61 9.93
CA LYS A 114 13.89 4.86 8.98
C LYS A 114 13.66 4.22 7.63
N LYS A 115 12.98 3.08 7.64
CA LYS A 115 12.79 2.28 6.45
C LYS A 115 11.34 1.90 6.37
N LEU A 116 10.92 1.45 5.19
CA LEU A 116 9.52 1.09 4.91
C LEU A 116 9.44 -0.17 4.08
N VAL A 117 8.44 -1.00 4.37
CA VAL A 117 8.08 -2.13 3.50
C VAL A 117 6.66 -1.81 3.03
N ILE A 118 6.49 -1.70 1.71
CA ILE A 118 5.27 -1.12 1.11
C ILE A 118 4.45 -2.18 0.43
N VAL A 119 3.16 -2.20 0.74
CA VAL A 119 2.21 -3.12 0.12
C VAL A 119 0.92 -2.34 -0.13
N GLY A 120 0.06 -2.86 -0.97
CA GLY A 120 -1.23 -2.22 -1.20
C GLY A 120 -1.55 -1.90 -2.66
N ALA A 121 -2.27 -0.81 -2.86
CA ALA A 121 -2.92 -0.57 -4.16
C ALA A 121 -3.13 0.95 -4.33
N MSE A 122 -3.12 1.47 -5.57
CA MSE A 122 -2.88 0.75 -6.81
C MSE A 122 -1.39 0.95 -7.25
O MSE A 122 -0.79 1.99 -6.96
CB MSE A 122 -3.81 1.30 -7.88
CG MSE A 122 -5.24 1.30 -7.46
SE MSE A 122 -6.41 2.08 -8.80
CE MSE A 122 -6.35 3.91 -8.18
N THR A 123 -0.79 -0.11 -7.79
CA THR A 123 0.64 -0.13 -8.18
C THR A 123 0.99 1.14 -8.95
N HIS A 124 0.17 1.46 -9.93
CA HIS A 124 0.59 2.53 -10.92
C HIS A 124 0.23 3.88 -10.42
N MSE A 125 -0.49 3.94 -9.31
CA MSE A 125 -0.95 5.21 -8.81
C MSE A 125 -0.33 5.50 -7.45
O MSE A 125 0.69 6.19 -7.36
CB MSE A 125 -2.47 5.10 -8.83
CG MSE A 125 -3.22 6.33 -8.61
SE MSE A 125 -2.66 7.76 -9.93
CE MSE A 125 -2.36 6.56 -11.43
N CSD A 126 -0.91 4.94 -6.38
CA CSD A 126 -0.56 5.28 -5.02
CB CSD A 126 -1.80 5.02 -4.09
SG CSD A 126 -3.22 5.67 -4.85
C CSD A 126 0.70 4.59 -4.54
O CSD A 126 1.38 5.12 -3.70
OD1 CSD A 126 -4.10 5.82 -3.65
OD2 CSD A 126 -3.67 4.50 -5.85
N ILE A 127 1.03 3.42 -5.06
CA ILE A 127 2.24 2.71 -4.64
C ILE A 127 3.46 3.43 -5.29
N ASP A 128 3.32 3.73 -6.57
CA ASP A 128 4.35 4.50 -7.29
C ASP A 128 4.58 5.80 -6.54
N ALA A 129 3.50 6.52 -6.22
CA ALA A 129 3.62 7.83 -5.56
C ALA A 129 4.28 7.74 -4.21
N VAL A 130 3.84 6.83 -3.35
CA VAL A 130 4.40 6.81 -2.00
C VAL A 130 5.85 6.35 -1.99
N THR A 131 6.19 5.40 -2.85
CA THR A 131 7.54 4.87 -2.85
C THR A 131 8.53 5.97 -3.27
N ARG A 132 8.20 6.68 -4.33
CA ARG A 132 9.07 7.76 -4.85
C ARG A 132 9.10 8.92 -3.90
N ALA A 133 7.95 9.25 -3.29
CA ALA A 133 7.94 10.34 -2.32
C ALA A 133 8.79 10.00 -1.09
N ALA A 134 8.66 8.75 -0.62
CA ALA A 134 9.37 8.29 0.58
C ALA A 134 10.88 8.24 0.37
N GLU A 135 11.31 7.62 -0.73
CA GLU A 135 12.73 7.50 -1.03
C GLU A 135 13.32 8.91 -1.13
N ASP A 136 12.61 9.81 -1.81
CA ASP A 136 13.05 11.22 -1.89
C ASP A 136 13.10 11.93 -0.55
N LEU A 137 12.25 11.53 0.38
CA LEU A 137 12.28 12.12 1.71
C LEU A 137 13.40 11.54 2.55
N GLY A 138 13.95 10.40 2.15
CA GLY A 138 15.05 9.79 2.86
C GLY A 138 14.88 8.40 3.45
N TYR A 139 13.69 7.80 3.34
CA TYR A 139 13.49 6.44 3.82
C TYR A 139 14.09 5.43 2.88
N GLU A 140 14.63 4.33 3.41
CA GLU A 140 15.01 3.20 2.55
C GLU A 140 13.74 2.39 2.34
N CYS A 141 13.38 2.13 1.09
CA CYS A 141 12.10 1.53 0.78
C CYS A 141 12.29 0.16 0.20
N ALA A 142 11.35 -0.71 0.54
CA ALA A 142 11.17 -1.96 -0.17
C ALA A 142 9.71 -2.04 -0.55
N VAL A 143 9.42 -2.84 -1.56
CA VAL A 143 8.07 -3.03 -2.06
C VAL A 143 7.92 -4.53 -2.25
N ALA A 144 6.88 -5.09 -1.61
CA ALA A 144 6.62 -6.50 -1.77
C ALA A 144 5.77 -6.60 -3.02
N HIS A 145 6.34 -7.07 -4.11
CA HIS A 145 5.68 -6.91 -5.41
C HIS A 145 4.42 -7.75 -5.56
N ASP A 146 4.37 -8.88 -4.87
CA ASP A 146 3.22 -9.77 -4.94
C ASP A 146 2.14 -9.41 -3.91
N ALA A 147 2.39 -8.34 -3.15
CA ALA A 147 1.43 -7.77 -2.22
C ALA A 147 0.90 -6.40 -2.66
N CYS A 148 1.00 -6.09 -3.96
CA CYS A 148 0.38 -4.91 -4.52
C CYS A 148 -0.53 -5.30 -5.71
N ALA A 149 -1.43 -4.42 -6.06
CA ALA A 149 -2.38 -4.71 -7.11
C ALA A 149 -2.65 -3.49 -7.95
N THR A 150 -3.00 -3.74 -9.20
CA THR A 150 -3.40 -2.66 -10.08
C THR A 150 -4.50 -3.20 -11.02
N LEU A 151 -4.69 -2.55 -12.15
CA LEU A 151 -5.69 -2.92 -13.11
C LEU A 151 -5.23 -2.64 -14.55
N ASP A 152 -6.07 -3.06 -15.48
CA ASP A 152 -5.78 -2.88 -16.88
C ASP A 152 -5.88 -1.38 -17.20
N LEU A 153 -4.90 -0.85 -17.98
CA LEU A 153 -4.93 0.56 -18.41
C LEU A 153 -5.00 0.67 -19.92
N GLU A 154 -5.55 1.79 -20.38
CA GLU A 154 -5.60 2.08 -21.81
C GLU A 154 -5.06 3.49 -22.03
N PHE A 155 -4.33 3.66 -23.12
CA PHE A 155 -3.90 4.96 -23.49
C PHE A 155 -3.81 5.11 -25.01
N ASN A 156 -4.57 6.07 -25.52
CA ASN A 156 -4.53 6.47 -26.94
C ASN A 156 -4.51 5.22 -27.83
N GLY A 157 -5.43 4.32 -27.55
CA GLY A 157 -5.60 3.12 -28.34
C GLY A 157 -4.85 1.88 -27.88
N ILE A 158 -3.89 2.03 -26.95
CA ILE A 158 -3.14 0.86 -26.48
C ILE A 158 -3.67 0.43 -25.12
N THR A 159 -4.00 -0.85 -24.98
CA THR A 159 -4.54 -1.43 -23.74
C THR A 159 -3.40 -2.24 -23.14
N VAL A 160 -3.00 -1.94 -21.91
CA VAL A 160 -1.91 -2.65 -21.26
C VAL A 160 -2.58 -3.49 -20.14
N PRO A 161 -2.50 -4.82 -20.23
CA PRO A 161 -3.09 -5.63 -19.16
C PRO A 161 -2.41 -5.34 -17.82
N ALA A 162 -3.14 -5.59 -16.74
CA ALA A 162 -2.66 -5.37 -15.39
C ALA A 162 -1.31 -6.02 -15.09
N ALA A 163 -1.05 -7.21 -15.61
CA ALA A 163 0.26 -7.85 -15.32
C ALA A 163 1.43 -7.02 -15.88
N GLN A 164 1.18 -6.36 -17.01
CA GLN A 164 2.21 -5.57 -17.66
C GLN A 164 2.32 -4.19 -17.04
N VAL A 165 1.19 -3.63 -16.59
CA VAL A 165 1.22 -2.38 -15.85
C VAL A 165 2.10 -2.56 -14.61
N HIS A 166 1.75 -3.59 -13.86
CA HIS A 166 2.46 -3.99 -12.64
C HIS A 166 3.95 -4.23 -12.86
N ALA A 167 4.28 -4.99 -13.88
CA ALA A 167 5.67 -5.30 -14.19
C ALA A 167 6.47 -4.02 -14.53
N ALA A 168 5.88 -3.12 -15.32
CA ALA A 168 6.55 -1.86 -15.69
C ALA A 168 6.85 -1.00 -14.47
N PHE A 169 5.84 -0.85 -13.60
CA PHE A 169 6.01 -0.01 -12.41
C PHE A 169 6.98 -0.61 -11.41
N MSE A 170 6.90 -1.93 -11.25
CA MSE A 170 7.80 -2.62 -10.34
C MSE A 170 9.23 -2.54 -10.88
O MSE A 170 10.17 -2.28 -10.14
CB MSE A 170 7.36 -4.06 -10.15
CG MSE A 170 6.11 -4.17 -9.35
SE MSE A 170 6.30 -3.52 -7.52
CE MSE A 170 4.44 -3.84 -6.98
N SER A 171 9.39 -2.71 -12.17
CA SER A 171 10.71 -2.57 -12.78
C SER A 171 11.25 -1.17 -12.57
N ALA A 172 10.39 -0.17 -12.77
CA ALA A 172 10.79 1.23 -12.65
C ALA A 172 11.28 1.48 -11.21
N LEU A 173 10.54 0.99 -10.23
CA LEU A 173 10.87 1.22 -8.81
C LEU A 173 12.11 0.41 -8.36
N SER A 174 12.31 -0.78 -8.92
CA SER A 174 13.38 -1.67 -8.46
C SER A 174 14.77 -1.01 -8.68
N PHE A 175 15.61 -1.02 -7.63
CA PHE A 175 16.89 -0.32 -7.49
C PHE A 175 16.92 1.21 -7.54
N ALA A 176 16.12 1.80 -8.44
CA ALA A 176 16.10 3.23 -8.57
C ALA A 176 15.53 3.87 -7.35
N TYR A 177 14.49 3.25 -6.81
CA TYR A 177 13.82 3.75 -5.63
C TYR A 177 13.68 2.73 -4.52
N ALA A 178 13.64 1.43 -4.81
CA ALA A 178 13.34 0.48 -3.72
C ALA A 178 13.91 -0.90 -3.98
N ASN A 179 14.08 -1.66 -2.88
CA ASN A 179 14.20 -3.12 -2.97
C ASN A 179 12.82 -3.76 -3.21
N VAL A 180 12.66 -4.30 -4.40
CA VAL A 180 11.45 -4.94 -4.85
C VAL A 180 11.70 -6.44 -4.78
N ALA A 181 10.90 -7.11 -3.98
CA ALA A 181 11.11 -8.49 -3.65
C ALA A 181 9.78 -9.11 -3.22
N SER A 182 9.76 -10.43 -3.12
CA SER A 182 8.56 -11.19 -2.73
C SER A 182 8.25 -10.95 -1.25
N ALA A 183 6.96 -10.98 -0.90
CA ALA A 183 6.55 -11.10 0.50
C ALA A 183 7.40 -12.15 1.21
N ASP A 184 7.50 -13.33 0.60
CA ASP A 184 8.23 -14.45 1.23
C ASP A 184 9.71 -14.13 1.39
N GLU A 185 10.29 -13.48 0.38
CA GLU A 185 11.69 -13.08 0.45
C GLU A 185 11.89 -12.04 1.53
N LEU A 186 10.95 -11.13 1.68
CA LEU A 186 11.07 -10.09 2.69
C LEU A 186 10.82 -10.71 4.07
N ILE A 187 9.91 -11.67 4.13
CA ILE A 187 9.60 -12.37 5.38
C ILE A 187 10.87 -13.13 5.85
N ALA A 188 11.46 -13.89 4.92
CA ALA A 188 12.71 -14.65 5.16
C ALA A 188 13.87 -13.85 5.76
N GLY A 189 13.80 -12.51 5.77
CA GLY A 189 14.91 -11.67 6.28
C GLY A 189 14.63 -10.80 7.48
C1 GOL B . -1.71 -7.52 -9.97
O1 GOL B . -2.58 -6.41 -10.13
C2 GOL B . -0.85 -7.82 -11.23
O2 GOL B . -1.54 -8.36 -12.33
C3 GOL B . 0.25 -8.82 -10.87
O3 GOL B . 0.66 -9.62 -11.97
#